data_3Q7Z
#
_entry.id   3Q7Z
#
_cell.length_a   46.690
_cell.length_b   107.197
_cell.length_c   56.422
_cell.angle_alpha   90.00
_cell.angle_beta   108.38
_cell.angle_gamma   90.00
#
_symmetry.space_group_name_H-M   'P 1 21 1'
#
loop_
_entity.id
_entity.type
_entity.pdbx_description
1 polymer 'Beta-lactamase regulatory protein BlaR1'
2 non-polymer "(2R,4S)-2-[(1R)-1-{[(2'-carboxybiphenyl-2-yl)carbonyl]amino}-2-oxoethyl]-5,5-dimethyl-1,3-thiazolidine-4-carboxylic acid"
3 water water
#
_entity_poly.entity_id   1
_entity_poly.type   'polypeptide(L)'
_entity_poly.pdbx_seq_one_letter_code
;QSITDYNYKKPLHNDYQILDKSKIFGSNSGSFVMYSMAADAYYIYNEKESRKRYSPNSTYKIYLAMFGLDRHIINDENSR
MSWNHKHYPFDAWNKEQDLNTAMQNSVNWYFERISDQIPKNYTATQLKQLNYGNKNLGSYKSYWMEDSLKISNLEQVIVF
KNMMEQNNHFSKKAKNQLSSSLLIKKNEKYELYGKTGTGIVNGKYNNGWFVGYVITNHDKYYFATHLSDGKPSGKNAELI
SEKILKEMGVLN
;
_entity_poly.pdbx_strand_id   A,B
#
loop_
_chem_comp.id
_chem_comp.type
_chem_comp.name
_chem_comp.formula
BOU non-polymer '(2R,4S)-2-[(1R)-1-{[(2'-carboxybiphenyl-2-yl)carbonyl]amino}-2-oxoethyl]-5,5-dimethyl-1,3-thiazolidine-4-carboxylic acid' 'C22 H22 N2 O6 S'
#
# COMPACT_ATOMS: atom_id res chain seq x y z
N GLN A 1 -21.30 -12.68 29.22
CA GLN A 1 -21.68 -12.46 30.64
C GLN A 1 -23.21 -12.32 30.85
N SER A 2 -23.83 -11.26 30.31
CA SER A 2 -25.29 -11.06 30.49
C SER A 2 -26.12 -11.80 29.43
N ILE A 3 -27.43 -11.61 29.51
CA ILE A 3 -28.43 -12.21 28.62
C ILE A 3 -28.31 -11.82 27.13
N THR A 4 -27.68 -10.68 26.88
CA THR A 4 -27.54 -10.12 25.53
C THR A 4 -26.07 -10.14 25.08
N ASP A 5 -25.18 -10.68 25.90
CA ASP A 5 -23.74 -10.66 25.58
C ASP A 5 -23.27 -11.64 24.50
N TYR A 6 -24.19 -12.50 24.05
CA TYR A 6 -23.85 -13.53 23.10
C TYR A 6 -24.55 -13.40 21.75
N ASN A 7 -25.42 -12.39 21.59
CA ASN A 7 -26.14 -12.16 20.33
C ASN A 7 -26.32 -10.72 20.00
N TYR A 8 -26.45 -10.44 18.70
CA TYR A 8 -26.80 -9.13 18.16
C TYR A 8 -28.18 -9.28 17.55
N LYS A 9 -29.14 -8.53 18.08
CA LYS A 9 -30.53 -8.72 17.67
C LYS A 9 -31.11 -7.49 16.96
N LYS A 10 -30.33 -6.43 16.86
CA LYS A 10 -30.77 -5.18 16.22
C LYS A 10 -31.09 -5.44 14.74
N PRO A 11 -32.29 -5.02 14.29
CA PRO A 11 -32.68 -5.26 12.89
C PRO A 11 -31.79 -4.50 11.91
N LEU A 12 -31.58 -5.14 10.76
CA LEU A 12 -30.98 -4.50 9.63
C LEU A 12 -32.13 -3.80 8.94
N HIS A 13 -32.09 -2.46 8.93
CA HIS A 13 -33.13 -1.69 8.28
C HIS A 13 -32.87 -1.54 6.78
N ASN A 14 -31.80 -2.16 6.33
CA ASN A 14 -31.34 -2.10 4.94
C ASN A 14 -32.05 -3.10 4.04
N ASP A 15 -31.62 -3.09 2.78
CA ASP A 15 -31.85 -4.19 1.85
C ASP A 15 -30.81 -5.26 2.15
N TYR A 16 -31.27 -6.52 2.24
CA TYR A 16 -30.30 -7.63 2.39
C TYR A 16 -30.59 -8.87 1.53
N GLN A 17 -29.55 -9.61 1.17
CA GLN A 17 -29.64 -10.74 0.26
C GLN A 17 -29.08 -11.98 0.94
N ILE A 18 -29.88 -13.04 1.00
CA ILE A 18 -29.44 -14.33 1.54
C ILE A 18 -28.52 -15.03 0.52
N LEU A 19 -27.37 -15.53 0.99
CA LEU A 19 -26.45 -16.24 0.11
C LEU A 19 -26.41 -17.71 0.47
N ASP A 20 -25.97 -18.53 -0.47
CA ASP A 20 -25.71 -19.94 -0.18
C ASP A 20 -24.28 -20.23 -0.59
N LYS A 21 -23.39 -20.15 0.39
CA LYS A 21 -21.98 -20.46 0.15
C LYS A 21 -21.58 -21.75 0.88
N SER A 22 -22.54 -22.66 1.06
CA SER A 22 -22.31 -23.89 1.83
C SER A 22 -21.30 -24.82 1.17
N LYS A 23 -21.26 -24.83 -0.16
CA LYS A 23 -20.28 -25.64 -0.91
C LYS A 23 -18.83 -25.17 -0.66
N ILE A 24 -18.62 -23.86 -0.55
CA ILE A 24 -17.31 -23.29 -0.24
C ILE A 24 -16.88 -23.51 1.24
N PHE A 25 -17.86 -23.40 2.14
CA PHE A 25 -17.62 -23.62 3.57
C PHE A 25 -17.25 -25.09 3.82
N GLY A 26 -17.88 -25.99 3.08
CA GLY A 26 -17.56 -27.41 3.14
C GLY A 26 -17.92 -28.01 4.49
N SER A 27 -16.92 -28.61 5.13
CA SER A 27 -17.09 -29.24 6.44
C SER A 27 -16.93 -28.24 7.59
N ASN A 28 -16.64 -26.98 7.27
CA ASN A 28 -16.53 -25.92 8.26
C ASN A 28 -17.90 -25.29 8.47
N SER A 29 -18.18 -24.86 9.69
CA SER A 29 -19.39 -24.11 10.01
C SER A 29 -19.08 -22.64 10.31
N GLY A 30 -20.01 -21.76 9.94
CA GLY A 30 -19.87 -20.35 10.25
C GLY A 30 -20.71 -19.47 9.36
N SER A 31 -20.25 -18.22 9.15
CA SER A 31 -21.02 -17.26 8.35
C SER A 31 -20.16 -16.33 7.54
N PHE A 32 -20.75 -15.70 6.54
CA PHE A 32 -20.04 -14.67 5.77
C PHE A 32 -20.99 -13.49 5.63
N VAL A 33 -20.47 -12.27 5.75
CA VAL A 33 -21.26 -11.06 5.61
C VAL A 33 -20.49 -10.11 4.70
N MET A 34 -21.18 -9.48 3.74
CA MET A 34 -20.52 -8.43 2.96
C MET A 34 -21.46 -7.24 2.86
N TYR A 35 -20.89 -6.04 2.78
CA TYR A 35 -21.67 -4.81 2.57
C TYR A 35 -21.05 -4.07 1.40
N SER A 36 -21.89 -3.60 0.48
CA SER A 36 -21.47 -2.80 -0.66
C SER A 36 -21.82 -1.34 -0.34
N MET A 37 -20.82 -0.46 -0.45
CA MET A 37 -20.99 0.99 -0.29
C MET A 37 -21.92 1.58 -1.35
N ALA A 38 -21.76 1.17 -2.60
CA ALA A 38 -22.58 1.72 -3.69
C ALA A 38 -24.03 1.26 -3.58
N ALA A 39 -24.21 0.01 -3.19
CA ALA A 39 -25.55 -0.57 -3.16
C ALA A 39 -26.28 -0.26 -1.84
N ASP A 40 -25.52 0.16 -0.82
CA ASP A 40 -25.95 0.30 0.59
C ASP A 40 -26.71 -0.98 0.98
N ALA A 41 -26.10 -2.14 0.72
CA ALA A 41 -26.83 -3.39 0.86
C ALA A 41 -25.94 -4.43 1.49
N TYR A 42 -26.53 -5.29 2.32
CA TYR A 42 -25.81 -6.41 2.91
C TYR A 42 -26.09 -7.73 2.18
N TYR A 43 -25.11 -8.64 2.20
CA TYR A 43 -25.21 -9.95 1.56
C TYR A 43 -24.72 -10.93 2.59
N ILE A 44 -25.56 -11.89 2.99
CA ILE A 44 -25.22 -12.70 4.17
C ILE A 44 -25.44 -14.19 3.92
N TYR A 45 -24.40 -15.00 4.21
CA TYR A 45 -24.57 -16.45 4.29
C TYR A 45 -24.70 -16.83 5.76
N ASN A 46 -25.77 -17.57 6.09
CA ASN A 46 -26.05 -18.00 7.47
C ASN A 46 -26.33 -16.85 8.42
N GLU A 47 -27.44 -16.15 8.21
CA GLU A 47 -27.83 -14.97 8.98
C GLU A 47 -27.93 -15.16 10.50
N LYS A 48 -28.54 -16.27 10.91
CA LYS A 48 -28.63 -16.63 12.33
C LYS A 48 -27.23 -16.71 12.96
N GLU A 49 -26.35 -17.42 12.29
CA GLU A 49 -25.00 -17.64 12.78
C GLU A 49 -24.22 -16.31 12.76
N SER A 50 -24.54 -15.43 11.80
CA SER A 50 -23.84 -14.13 11.67
C SER A 50 -24.14 -13.17 12.82
N ARG A 51 -25.18 -13.46 13.60
CA ARG A 51 -25.57 -12.63 14.74
C ARG A 51 -25.11 -13.17 16.09
N LYS A 52 -24.50 -14.35 16.10
CA LYS A 52 -23.90 -14.85 17.34
C LYS A 52 -22.57 -14.14 17.61
N ARG A 53 -22.38 -13.72 18.86
CA ARG A 53 -21.18 -12.96 19.25
C ARG A 53 -20.08 -13.91 19.71
N TYR A 54 -18.87 -13.70 19.21
CA TYR A 54 -17.71 -14.49 19.57
C TYR A 54 -16.57 -13.54 19.90
N SER A 55 -15.59 -14.01 20.65
CA SER A 55 -14.37 -13.22 20.86
C SER A 55 -13.76 -12.80 19.51
N PRO A 56 -13.38 -11.53 19.38
CA PRO A 56 -12.78 -11.10 18.14
C PRO A 56 -11.33 -11.59 17.94
N ASN A 57 -10.67 -12.08 19.00
CA ASN A 57 -9.26 -12.47 18.96
C ASN A 57 -8.44 -11.36 18.26
N SER A 58 -7.57 -11.76 17.34
CA SER A 58 -6.62 -10.81 16.68
C SER A 58 -7.26 -9.79 15.76
N THR A 59 -8.53 -9.98 15.37
CA THR A 59 -9.17 -8.91 14.59
C THR A 59 -9.37 -7.60 15.37
N TYR A 60 -9.40 -7.69 16.69
CA TYR A 60 -9.46 -6.48 17.51
C TYR A 60 -8.19 -5.60 17.41
N LYS A 61 -7.10 -6.14 16.86
CA LYS A 61 -5.90 -5.33 16.63
C LYS A 61 -6.14 -4.19 15.64
N ILE A 62 -7.16 -4.32 14.79
CA ILE A 62 -7.69 -3.19 14.00
C ILE A 62 -7.98 -1.99 14.92
N TYR A 63 -8.70 -2.25 16.00
CA TYR A 63 -9.20 -1.20 16.89
C TYR A 63 -8.08 -0.73 17.81
N LEU A 64 -7.24 -1.65 18.30
CA LEU A 64 -6.06 -1.28 19.12
C LEU A 64 -5.09 -0.40 18.32
N ALA A 65 -4.89 -0.72 17.05
CA ALA A 65 -4.09 0.15 16.16
C ALA A 65 -4.72 1.54 16.03
N MET A 66 -6.02 1.64 15.78
CA MET A 66 -6.69 2.93 15.64
CA MET A 66 -6.71 2.94 15.66
C MET A 66 -6.62 3.75 16.96
N PHE A 67 -6.80 3.06 18.08
CA PHE A 67 -6.74 3.70 19.39
C PHE A 67 -5.32 4.20 19.68
N GLY A 68 -4.33 3.41 19.28
CA GLY A 68 -2.92 3.70 19.49
C GLY A 68 -2.51 4.89 18.66
N LEU A 69 -3.11 5.00 17.46
CA LEU A 69 -2.90 6.14 16.59
C LEU A 69 -3.59 7.40 17.12
N ASP A 70 -4.85 7.25 17.53
CA ASP A 70 -5.66 8.35 18.06
C ASP A 70 -5.05 8.97 19.33
N ARG A 71 -4.44 8.13 20.17
CA ARG A 71 -3.84 8.59 21.43
C ARG A 71 -2.36 8.92 21.31
N HIS A 72 -1.84 8.90 20.10
CA HIS A 72 -0.45 9.22 19.77
C HIS A 72 0.56 8.28 20.45
N ILE A 73 0.14 7.04 20.76
CA ILE A 73 1.07 6.01 21.25
C ILE A 73 2.02 5.61 20.12
N ILE A 74 1.45 5.48 18.91
CA ILE A 74 2.25 5.33 17.70
C ILE A 74 1.90 6.47 16.72
N ASN A 75 2.76 6.73 15.75
CA ASN A 75 2.43 7.70 14.69
C ASN A 75 2.98 7.34 13.32
N ASP A 76 2.84 8.26 12.37
CA ASP A 76 3.31 8.13 10.99
C ASP A 76 4.83 8.18 10.80
N GLU A 77 5.55 8.83 11.69
CA GLU A 77 7.01 8.83 11.58
C GLU A 77 7.65 7.62 12.31
N ASN A 78 7.03 7.22 13.40
CA ASN A 78 7.58 6.18 14.26
C ASN A 78 6.46 5.36 14.90
N SER A 79 6.33 4.12 14.46
CA SER A 79 5.44 3.19 15.13
C SER A 79 6.29 2.01 15.62
N ARG A 80 7.60 2.23 15.69
CA ARG A 80 8.54 1.17 16.11
C ARG A 80 8.49 0.83 17.59
N MET A 81 8.56 -0.47 17.88
CA MET A 81 8.71 -0.94 19.26
C MET A 81 9.80 -1.97 19.31
N SER A 82 10.66 -1.89 20.32
CA SER A 82 11.73 -2.87 20.45
C SER A 82 11.21 -4.12 21.14
N TRP A 83 11.82 -5.25 20.79
CA TRP A 83 11.53 -6.55 21.37
C TRP A 83 12.12 -6.58 22.77
N ASN A 84 11.37 -7.08 23.76
CA ASN A 84 11.92 -7.12 25.15
C ASN A 84 12.70 -8.40 25.52
N HIS A 85 13.03 -9.19 24.51
CA HIS A 85 13.85 -10.40 24.61
C HIS A 85 13.09 -11.64 25.10
N LYS A 86 11.78 -11.51 25.29
CA LYS A 86 10.96 -12.66 25.64
C LYS A 86 10.89 -13.58 24.41
N HIS A 87 11.30 -14.84 24.58
CA HIS A 87 11.31 -15.77 23.45
C HIS A 87 9.90 -16.23 23.05
N TYR A 88 9.54 -15.96 21.80
CA TYR A 88 8.29 -16.42 21.20
C TYR A 88 8.55 -17.61 20.26
N PRO A 89 7.52 -18.46 20.00
CA PRO A 89 7.69 -19.62 19.14
C PRO A 89 7.71 -19.27 17.66
N PHE A 90 7.56 -17.99 17.31
CA PHE A 90 7.71 -17.54 15.92
C PHE A 90 8.81 -16.51 15.83
N ASP A 91 9.78 -16.76 14.95
CA ASP A 91 10.89 -15.82 14.81
C ASP A 91 10.48 -14.41 14.39
N ALA A 92 9.37 -14.29 13.66
CA ALA A 92 8.86 -12.98 13.28
C ALA A 92 8.43 -12.11 14.48
N TRP A 93 8.21 -12.75 15.64
CA TRP A 93 7.82 -12.05 16.86
C TRP A 93 9.03 -11.66 17.70
N ASN A 94 10.17 -12.33 17.44
CA ASN A 94 11.40 -12.13 18.22
C ASN A 94 12.28 -11.02 17.67
N LYS A 95 11.69 -9.88 17.34
CA LYS A 95 12.46 -8.76 16.79
C LYS A 95 11.66 -7.49 16.92
N GLU A 96 12.34 -6.37 16.65
CA GLU A 96 11.72 -5.06 16.57
C GLU A 96 10.53 -5.09 15.60
N GLN A 97 9.51 -4.28 15.89
CA GLN A 97 8.32 -4.19 15.03
C GLN A 97 7.98 -2.74 14.71
N ASP A 98 7.21 -2.52 13.65
CA ASP A 98 6.43 -1.29 13.52
C ASP A 98 4.98 -1.71 13.34
N LEU A 99 4.09 -0.76 13.06
CA LEU A 99 2.69 -1.11 12.89
C LEU A 99 2.49 -2.11 11.74
N ASN A 100 3.20 -1.87 10.63
CA ASN A 100 3.08 -2.77 9.47
C ASN A 100 3.48 -4.22 9.74
N THR A 101 4.64 -4.42 10.34
CA THR A 101 5.15 -5.77 10.60
C THR A 101 4.33 -6.47 11.67
N ALA A 102 3.89 -5.71 12.68
CA ALA A 102 3.08 -6.23 13.77
C ALA A 102 1.72 -6.69 13.29
N MET A 103 1.10 -5.89 12.41
CA MET A 103 -0.20 -6.27 11.84
C MET A 103 -0.06 -7.48 10.92
N GLN A 104 0.94 -7.44 10.03
CA GLN A 104 1.15 -8.52 9.04
C GLN A 104 1.39 -9.85 9.74
N ASN A 105 2.23 -9.82 10.77
CA ASN A 105 2.60 -11.04 11.45
C ASN A 105 1.81 -11.35 12.71
N SER A 106 0.80 -10.52 12.99
CA SER A 106 -0.09 -10.63 14.17
C SER A 106 0.71 -10.78 15.48
N VAL A 107 1.59 -9.80 15.71
CA VAL A 107 2.49 -9.81 16.85
C VAL A 107 1.74 -9.37 18.10
N ASN A 108 1.26 -10.34 18.90
CA ASN A 108 0.44 -9.98 20.06
C ASN A 108 1.08 -8.98 21.02
N TRP A 109 2.39 -9.11 21.28
CA TRP A 109 2.99 -8.26 22.32
C TRP A 109 2.95 -6.77 21.99
N TYR A 110 3.02 -6.46 20.70
CA TYR A 110 3.00 -5.07 20.22
C TYR A 110 1.65 -4.44 20.56
N PHE A 111 0.58 -5.15 20.25
CA PHE A 111 -0.75 -4.65 20.54
C PHE A 111 -1.08 -4.65 22.03
N GLU A 112 -0.51 -5.61 22.75
CA GLU A 112 -0.62 -5.64 24.21
C GLU A 112 0.06 -4.44 24.85
N ARG A 113 1.21 -4.04 24.32
CA ARG A 113 1.92 -2.86 24.84
C ARG A 113 1.09 -1.57 24.57
N ILE A 114 0.45 -1.52 23.41
CA ILE A 114 -0.48 -0.42 23.10
C ILE A 114 -1.63 -0.36 24.10
N SER A 115 -2.30 -1.52 24.29
CA SER A 115 -3.46 -1.63 25.18
C SER A 115 -3.14 -1.25 26.60
N ASP A 116 -1.94 -1.63 27.08
CA ASP A 116 -1.47 -1.29 28.43
C ASP A 116 -1.44 0.20 28.73
N GLN A 117 -1.22 0.99 27.67
CA GLN A 117 -1.15 2.45 27.76
C GLN A 117 -2.53 3.13 27.65
N ILE A 118 -3.54 2.36 27.24
CA ILE A 118 -4.88 2.90 27.03
C ILE A 118 -5.75 2.75 28.29
N PRO A 119 -6.21 3.89 28.84
CA PRO A 119 -6.99 3.83 30.06
C PRO A 119 -8.36 3.23 29.77
N LYS A 120 -8.88 2.47 30.71
CA LYS A 120 -10.16 1.80 30.55
C LYS A 120 -11.31 2.73 30.16
N ASN A 121 -11.39 3.93 30.75
CA ASN A 121 -12.49 4.85 30.42
C ASN A 121 -12.50 5.28 28.91
N TYR A 122 -11.32 5.38 28.31
CA TYR A 122 -11.23 5.77 26.91
C TYR A 122 -11.79 4.62 26.06
N THR A 123 -11.35 3.39 26.35
CA THR A 123 -11.81 2.20 25.62
C THR A 123 -13.32 2.05 25.71
N ALA A 124 -13.84 2.19 26.94
CA ALA A 124 -15.30 2.12 27.17
C ALA A 124 -16.08 3.16 26.35
N THR A 125 -15.60 4.40 26.34
CA THR A 125 -16.14 5.47 25.48
C THR A 125 -16.12 5.10 23.99
N GLN A 126 -15.01 4.52 23.53
CA GLN A 126 -14.86 4.19 22.13
C GLN A 126 -15.75 3.03 21.74
N LEU A 127 -15.84 2.00 22.57
CA LEU A 127 -16.66 0.83 22.23
C LEU A 127 -18.16 1.18 22.19
N LYS A 128 -18.56 2.09 23.07
CA LYS A 128 -19.90 2.70 23.06
C LYS A 128 -20.19 3.47 21.77
N GLN A 129 -19.31 4.41 21.42
CA GLN A 129 -19.46 5.18 20.17
C GLN A 129 -19.42 4.30 18.91
N LEU A 130 -18.58 3.26 18.93
CA LEU A 130 -18.43 2.35 17.80
C LEU A 130 -19.55 1.30 17.72
N ASN A 131 -20.29 1.12 18.82
CA ASN A 131 -21.25 -0.02 19.00
C ASN A 131 -20.58 -1.37 18.84
N TYR A 132 -19.46 -1.53 19.52
CA TYR A 132 -18.61 -2.70 19.30
C TYR A 132 -19.15 -3.87 20.12
N GLY A 133 -19.96 -4.71 19.48
CA GLY A 133 -20.45 -5.95 20.11
C GLY A 133 -21.03 -5.77 21.48
N ASN A 134 -20.61 -6.60 22.42
CA ASN A 134 -21.19 -6.57 23.76
C ASN A 134 -20.56 -5.52 24.66
N LYS A 135 -19.53 -4.86 24.15
CA LYS A 135 -18.77 -3.81 24.87
C LYS A 135 -18.24 -4.27 26.25
N ASN A 136 -18.04 -5.58 26.40
CA ASN A 136 -17.74 -6.09 27.73
C ASN A 136 -16.23 -6.19 27.88
N LEU A 137 -15.70 -5.31 28.71
CA LEU A 137 -14.26 -5.22 28.89
C LEU A 137 -13.75 -6.17 29.98
N GLY A 138 -14.67 -6.74 30.76
CA GLY A 138 -14.31 -7.64 31.89
C GLY A 138 -13.20 -7.16 32.80
N SER A 139 -12.14 -7.98 32.93
CA SER A 139 -10.96 -7.68 33.73
C SER A 139 -9.98 -6.66 33.11
N TYR A 140 -10.22 -6.31 31.86
CA TYR A 140 -9.43 -5.32 31.08
C TYR A 140 -7.96 -5.75 30.97
N LYS A 141 -7.70 -7.00 30.64
CA LYS A 141 -6.32 -7.37 30.43
C LYS A 141 -6.17 -7.57 28.93
N SER A 142 -5.99 -8.79 28.50
CA SER A 142 -6.14 -9.14 27.09
C SER A 142 -7.61 -9.47 26.81
N TYR A 143 -8.51 -8.52 27.04
CA TYR A 143 -9.98 -8.78 27.04
C TYR A 143 -10.54 -9.20 25.67
N TRP A 144 -9.79 -8.95 24.59
CA TRP A 144 -10.18 -9.34 23.25
C TRP A 144 -9.77 -10.77 22.86
N MET A 145 -9.06 -11.48 23.73
CA MET A 145 -8.53 -12.80 23.37
C MET A 145 -9.21 -13.89 24.16
N GLU A 146 -10.22 -14.51 23.52
CA GLU A 146 -11.03 -15.58 24.17
C GLU A 146 -11.48 -15.21 25.57
N ASP A 147 -12.05 -14.01 25.70
CA ASP A 147 -12.34 -13.44 27.05
C ASP A 147 -13.76 -12.80 27.01
N SER A 148 -13.92 -11.68 27.71
CA SER A 148 -15.23 -11.06 27.95
C SER A 148 -15.83 -10.41 26.70
N LEU A 149 -14.98 -9.75 25.91
CA LEU A 149 -15.42 -8.99 24.75
C LEU A 149 -15.80 -9.88 23.61
N LYS A 150 -17.02 -9.69 23.10
CA LYS A 150 -17.52 -10.51 21.98
C LYS A 150 -18.22 -9.64 20.97
N ILE A 151 -18.13 -10.04 19.70
CA ILE A 151 -18.78 -9.30 18.63
C ILE A 151 -19.29 -10.31 17.57
N SER A 152 -20.40 -9.98 16.91
CA SER A 152 -20.90 -10.88 15.87
C SER A 152 -20.26 -10.64 14.50
N ASN A 153 -20.37 -11.63 13.59
CA ASN A 153 -19.85 -11.47 12.23
C ASN A 153 -20.51 -10.29 11.51
N LEU A 154 -21.83 -10.15 11.67
CA LEU A 154 -22.61 -9.04 11.10
C LEU A 154 -22.08 -7.71 11.66
N GLU A 155 -21.89 -7.65 12.98
CA GLU A 155 -21.30 -6.45 13.60
C GLU A 155 -19.88 -6.12 13.17
N GLN A 156 -19.04 -7.14 12.93
CA GLN A 156 -17.70 -6.85 12.45
C GLN A 156 -17.72 -5.97 11.19
N VAL A 157 -18.65 -6.24 10.29
CA VAL A 157 -18.82 -5.47 9.07
C VAL A 157 -19.39 -4.09 9.35
N ILE A 158 -20.51 -4.03 10.07
CA ILE A 158 -21.17 -2.73 10.33
C ILE A 158 -20.23 -1.79 11.09
N VAL A 159 -19.54 -2.33 12.10
CA VAL A 159 -18.71 -1.49 13.00
C VAL A 159 -17.48 -0.96 12.24
N PHE A 160 -16.82 -1.83 11.46
CA PHE A 160 -15.64 -1.47 10.68
C PHE A 160 -16.00 -0.46 9.60
N LYS A 161 -17.08 -0.72 8.86
CA LYS A 161 -17.57 0.22 7.84
C LYS A 161 -17.85 1.58 8.47
N ASN A 162 -18.56 1.60 9.59
CA ASN A 162 -18.92 2.87 10.19
C ASN A 162 -17.70 3.63 10.74
N MET A 163 -16.76 2.89 11.33
CA MET A 163 -15.56 3.51 11.87
C MET A 163 -14.75 4.20 10.77
N MET A 164 -14.60 3.50 9.63
CA MET A 164 -13.81 4.03 8.52
C MET A 164 -14.57 5.06 7.68
N GLU A 165 -15.86 4.85 7.46
CA GLU A 165 -16.60 5.66 6.50
C GLU A 165 -17.29 6.90 7.08
N GLN A 166 -17.58 6.90 8.37
CA GLN A 166 -18.22 8.11 8.92
C GLN A 166 -17.20 9.22 9.27
N ASN A 167 -17.60 10.49 9.08
CA ASN A 167 -16.77 11.65 9.46
C ASN A 167 -16.77 11.81 10.97
N ASN A 168 -15.90 11.07 11.63
CA ASN A 168 -16.00 10.96 13.06
C ASN A 168 -14.79 11.53 13.82
N HIS A 169 -14.50 10.89 14.93
CA HIS A 169 -13.55 11.33 15.90
C HIS A 169 -12.12 10.93 15.47
N PHE A 170 -12.01 9.86 14.69
CA PHE A 170 -10.70 9.44 14.17
C PHE A 170 -10.28 10.23 12.94
N SER A 171 -9.02 10.67 12.93
CA SER A 171 -8.50 11.48 11.83
C SER A 171 -8.33 10.60 10.58
N LYS A 172 -8.35 11.28 9.44
CA LYS A 172 -8.04 10.69 8.14
C LYS A 172 -6.61 10.12 8.09
N LYS A 173 -5.63 10.79 8.68
CA LYS A 173 -4.27 10.23 8.69
C LYS A 173 -4.11 8.92 9.49
N ALA A 174 -4.80 8.82 10.64
CA ALA A 174 -4.93 7.54 11.39
C ALA A 174 -5.60 6.45 10.54
N LYS A 175 -6.72 6.79 9.92
CA LYS A 175 -7.43 5.82 9.05
C LYS A 175 -6.55 5.32 7.92
N ASN A 176 -5.82 6.25 7.28
CA ASN A 176 -4.87 5.91 6.23
C ASN A 176 -3.71 5.04 6.72
N GLN A 177 -3.15 5.36 7.89
CA GLN A 177 -2.07 4.52 8.45
C GLN A 177 -2.55 3.12 8.76
N LEU A 178 -3.71 3.02 9.40
CA LEU A 178 -4.32 1.66 9.63
C LEU A 178 -4.53 0.87 8.32
N SER A 179 -5.12 1.54 7.33
CA SER A 179 -5.33 0.94 6.00
CA SER A 179 -5.35 0.96 6.01
C SER A 179 -4.06 0.38 5.40
N SER A 180 -3.00 1.18 5.43
CA SER A 180 -1.68 0.73 4.92
C SER A 180 -1.19 -0.55 5.60
N SER A 181 -1.40 -0.65 6.91
CA SER A 181 -1.03 -1.85 7.69
C SER A 181 -1.87 -3.07 7.39
N LEU A 182 -3.08 -2.84 6.89
CA LEU A 182 -4.01 -3.93 6.57
C LEU A 182 -3.96 -4.39 5.12
N LEU A 183 -3.25 -3.69 4.24
CA LEU A 183 -3.19 -4.07 2.84
C LEU A 183 -2.56 -5.44 2.62
N ILE A 184 -3.30 -6.33 1.95
CA ILE A 184 -2.82 -7.67 1.63
C ILE A 184 -2.46 -7.84 0.17
N LYS A 185 -3.35 -7.41 -0.73
CA LYS A 185 -3.16 -7.63 -2.17
C LYS A 185 -3.56 -6.35 -2.92
N LYS A 186 -2.82 -6.03 -3.96
CA LYS A 186 -3.15 -4.93 -4.86
C LYS A 186 -2.80 -5.37 -6.28
N ASN A 187 -3.74 -5.19 -7.21
CA ASN A 187 -3.44 -5.36 -8.62
C ASN A 187 -4.25 -4.33 -9.40
N GLU A 188 -4.33 -4.48 -10.72
CA GLU A 188 -5.10 -3.58 -11.62
C GLU A 188 -6.60 -3.51 -11.30
N LYS A 189 -7.12 -4.55 -10.69
CA LYS A 189 -8.56 -4.73 -10.48
C LYS A 189 -9.03 -4.37 -9.09
N TYR A 190 -8.21 -4.65 -8.08
CA TYR A 190 -8.63 -4.43 -6.70
C TYR A 190 -7.48 -4.25 -5.71
N GLU A 191 -7.84 -3.68 -4.56
CA GLU A 191 -7.04 -3.75 -3.34
C GLU A 191 -7.83 -4.51 -2.29
N LEU A 192 -7.19 -5.50 -1.68
CA LEU A 192 -7.77 -6.31 -0.61
C LEU A 192 -7.04 -6.01 0.71
N TYR A 193 -7.82 -5.61 1.71
CA TYR A 193 -7.34 -5.28 3.04
C TYR A 193 -7.97 -6.26 4.00
N GLY A 194 -7.26 -6.68 5.03
CA GLY A 194 -7.91 -7.54 6.02
C GLY A 194 -7.03 -7.98 7.14
N LYS A 195 -7.63 -8.68 8.09
CA LYS A 195 -6.93 -9.17 9.27
C LYS A 195 -7.54 -10.50 9.71
N THR A 196 -6.67 -11.49 9.91
CA THR A 196 -7.03 -12.78 10.51
C THR A 196 -7.14 -12.79 12.03
N GLY A 197 -7.89 -13.75 12.56
CA GLY A 197 -7.87 -14.01 13.98
C GLY A 197 -8.04 -15.51 14.13
N THR A 198 -7.36 -16.08 15.12
CA THR A 198 -7.43 -17.52 15.42
C THR A 198 -7.46 -17.66 16.92
N GLY A 199 -8.47 -18.35 17.44
CA GLY A 199 -8.53 -18.69 18.84
C GLY A 199 -8.12 -20.13 18.96
N ILE A 200 -7.36 -20.43 20.02
CA ILE A 200 -7.02 -21.81 20.40
C ILE A 200 -7.48 -22.05 21.84
N VAL A 201 -8.31 -23.07 22.02
CA VAL A 201 -8.80 -23.48 23.32
C VAL A 201 -8.42 -24.96 23.54
N ASN A 202 -7.67 -25.21 24.62
CA ASN A 202 -7.11 -26.52 24.95
C ASN A 202 -6.46 -27.24 23.76
N GLY A 203 -5.59 -26.53 23.04
CA GLY A 203 -4.88 -27.11 21.90
C GLY A 203 -5.63 -27.22 20.58
N LYS A 204 -6.92 -26.88 20.56
CA LYS A 204 -7.75 -26.96 19.35
C LYS A 204 -8.17 -25.58 18.84
N TYR A 205 -8.26 -25.42 17.52
CA TYR A 205 -8.82 -24.21 16.93
C TYR A 205 -10.28 -24.13 17.35
N ASN A 206 -10.76 -22.95 17.71
CA ASN A 206 -12.19 -22.83 18.08
C ASN A 206 -12.93 -21.64 17.51
N ASN A 207 -12.20 -20.71 16.88
CA ASN A 207 -12.75 -19.41 16.53
C ASN A 207 -11.85 -18.74 15.50
N GLY A 208 -12.23 -18.80 14.22
CA GLY A 208 -11.44 -18.20 13.13
C GLY A 208 -12.13 -17.03 12.47
N TRP A 209 -11.34 -16.03 12.09
CA TRP A 209 -11.89 -14.81 11.53
C TRP A 209 -11.02 -14.32 10.38
N PHE A 210 -11.66 -13.66 9.44
CA PHE A 210 -10.96 -12.79 8.50
C PHE A 210 -11.93 -11.66 8.21
N VAL A 211 -11.53 -10.45 8.58
CA VAL A 211 -12.39 -9.26 8.53
C VAL A 211 -11.62 -8.27 7.66
N GLY A 212 -12.29 -7.68 6.66
CA GLY A 212 -11.58 -6.70 5.87
C GLY A 212 -12.46 -5.90 4.92
N TYR A 213 -11.81 -5.36 3.89
CA TYR A 213 -12.51 -4.66 2.85
C TYR A 213 -11.77 -4.72 1.51
N VAL A 214 -12.53 -4.53 0.44
CA VAL A 214 -11.99 -4.52 -0.93
C VAL A 214 -12.33 -3.20 -1.60
N ILE A 215 -11.34 -2.57 -2.23
CA ILE A 215 -11.59 -1.41 -3.06
C ILE A 215 -11.40 -1.80 -4.51
N THR A 216 -12.41 -1.55 -5.33
CA THR A 216 -12.28 -1.75 -6.78
C THR A 216 -12.41 -0.40 -7.44
N ASN A 217 -12.35 -0.38 -8.77
CA ASN A 217 -12.58 0.86 -9.51
C ASN A 217 -14.03 1.37 -9.47
N HIS A 218 -14.95 0.57 -8.94
CA HIS A 218 -16.39 0.86 -9.02
C HIS A 218 -17.08 0.94 -7.67
N ASP A 219 -16.49 0.33 -6.65
CA ASP A 219 -17.18 0.16 -5.38
C ASP A 219 -16.17 -0.14 -4.26
N LYS A 220 -16.68 -0.19 -3.03
CA LYS A 220 -15.89 -0.59 -1.89
C LYS A 220 -16.76 -1.51 -1.08
N TYR A 221 -16.20 -2.62 -0.64
CA TYR A 221 -16.98 -3.66 0.00
C TYR A 221 -16.33 -3.99 1.32
N TYR A 222 -17.08 -3.99 2.41
CA TYR A 222 -16.56 -4.48 3.69
C TYR A 222 -17.09 -5.90 3.87
N PHE A 223 -16.31 -6.80 4.46
CA PHE A 223 -16.70 -8.21 4.57
C PHE A 223 -16.12 -8.84 5.81
N ALA A 224 -16.70 -9.94 6.23
CA ALA A 224 -16.10 -10.73 7.31
C ALA A 224 -16.58 -12.15 7.21
N THR A 225 -15.64 -13.09 7.46
CA THR A 225 -15.95 -14.50 7.57
C THR A 225 -15.65 -14.95 8.98
N HIS A 226 -16.61 -15.63 9.61
CA HIS A 226 -16.34 -16.24 10.89
C HIS A 226 -16.50 -17.73 10.80
N LEU A 227 -15.54 -18.45 11.37
CA LEU A 227 -15.64 -19.90 11.49
C LEU A 227 -15.79 -20.34 12.94
N SER A 228 -16.82 -21.12 13.22
CA SER A 228 -17.05 -21.62 14.58
C SER A 228 -16.78 -23.12 14.75
N ASP A 229 -16.66 -23.88 13.66
CA ASP A 229 -16.46 -25.33 13.78
C ASP A 229 -15.79 -25.93 12.52
N GLY A 230 -15.18 -27.10 12.66
CA GLY A 230 -14.52 -27.80 11.56
C GLY A 230 -13.01 -27.64 11.67
N LYS A 231 -12.46 -26.71 10.91
CA LYS A 231 -11.09 -26.26 11.15
C LYS A 231 -11.14 -24.72 11.27
N PRO A 232 -11.60 -24.22 12.42
CA PRO A 232 -11.89 -22.78 12.49
C PRO A 232 -10.67 -21.90 12.79
N SER A 233 -9.80 -21.73 11.79
CA SER A 233 -8.63 -20.88 11.93
C SER A 233 -8.78 -19.61 11.08
N GLY A 234 -8.00 -18.59 11.40
CA GLY A 234 -7.91 -17.36 10.58
C GLY A 234 -7.50 -17.70 9.16
N LYS A 235 -6.51 -18.59 9.03
CA LYS A 235 -6.00 -19.01 7.73
C LYS A 235 -7.13 -19.56 6.84
N ASN A 236 -7.94 -20.45 7.41
CA ASN A 236 -9.09 -21.01 6.69
C ASN A 236 -10.18 -19.98 6.39
N ALA A 237 -10.45 -19.08 7.34
CA ALA A 237 -11.42 -18.01 7.12
C ALA A 237 -11.02 -17.07 5.98
N GLU A 238 -9.71 -16.83 5.83
CA GLU A 238 -9.15 -16.07 4.72
C GLU A 238 -9.32 -16.77 3.36
N LEU A 239 -9.01 -18.07 3.32
CA LEU A 239 -9.22 -18.86 2.11
C LEU A 239 -10.67 -18.87 1.65
N ILE A 240 -11.58 -19.07 2.59
CA ILE A 240 -13.03 -19.04 2.34
C ILE A 240 -13.50 -17.68 1.86
N SER A 241 -12.99 -16.63 2.50
CA SER A 241 -13.35 -15.29 2.08
C SER A 241 -12.94 -15.03 0.66
N GLU A 242 -11.75 -15.46 0.29
CA GLU A 242 -11.23 -15.20 -1.06
C GLU A 242 -12.04 -15.95 -2.11
N LYS A 243 -12.42 -17.19 -1.81
CA LYS A 243 -13.25 -18.00 -2.72
C LYS A 243 -14.63 -17.37 -2.94
N ILE A 244 -15.26 -16.90 -1.86
CA ILE A 244 -16.58 -16.23 -1.91
C ILE A 244 -16.53 -14.91 -2.66
N LEU A 245 -15.55 -14.06 -2.33
CA LEU A 245 -15.40 -12.75 -2.97
C LEU A 245 -15.17 -12.88 -4.46
N LYS A 246 -14.31 -13.81 -4.85
CA LYS A 246 -14.11 -14.20 -6.25
C LYS A 246 -15.42 -14.55 -6.96
N GLU A 247 -16.24 -15.39 -6.34
CA GLU A 247 -17.50 -15.85 -6.98
C GLU A 247 -18.50 -14.73 -7.16
N MET A 248 -18.47 -13.81 -6.22
CA MET A 248 -19.34 -12.68 -6.24
C MET A 248 -18.92 -11.57 -7.20
N GLY A 249 -17.69 -11.61 -7.72
CA GLY A 249 -17.29 -10.67 -8.77
C GLY A 249 -16.57 -9.45 -8.25
N VAL A 250 -16.35 -9.46 -6.94
CA VAL A 250 -15.65 -8.42 -6.20
C VAL A 250 -14.14 -8.36 -6.56
N LEU A 251 -13.56 -9.48 -6.98
CA LEU A 251 -12.13 -9.51 -7.26
C LEU A 251 -11.69 -9.38 -8.74
N ASN A 252 -12.55 -8.86 -9.61
CA ASN A 252 -12.24 -8.61 -11.05
C ASN A 252 -13.17 -7.56 -11.72
N GLN B 1 23.22 20.20 -22.92
CA GLN B 1 23.51 21.66 -23.17
C GLN B 1 25.00 22.00 -22.94
N SER B 2 25.80 21.00 -22.58
CA SER B 2 27.26 21.16 -22.44
C SER B 2 28.02 20.16 -23.33
N ILE B 3 29.30 19.96 -23.04
CA ILE B 3 30.17 19.17 -23.90
C ILE B 3 30.08 17.63 -23.71
N THR B 4 30.16 17.16 -22.46
CA THR B 4 30.09 15.74 -22.11
C THR B 4 28.82 15.54 -21.28
N ASP B 5 27.88 16.44 -21.52
CA ASP B 5 26.58 16.53 -20.84
C ASP B 5 25.70 15.32 -21.09
N TYR B 6 25.80 14.76 -22.31
CA TYR B 6 24.86 13.76 -22.79
C TYR B 6 25.10 12.36 -22.24
N ASN B 7 26.24 12.14 -21.58
CA ASN B 7 26.59 10.82 -21.09
C ASN B 7 27.06 10.82 -19.65
N TYR B 8 26.58 9.85 -18.89
CA TYR B 8 27.03 9.63 -17.54
C TYR B 8 28.28 8.78 -17.60
N LYS B 9 29.38 9.30 -17.07
CA LYS B 9 30.68 8.65 -17.28
C LYS B 9 31.32 8.02 -16.03
N LYS B 10 30.72 8.21 -14.86
CA LYS B 10 31.28 7.69 -13.62
C LYS B 10 31.20 6.14 -13.58
N PRO B 11 32.35 5.47 -13.40
CA PRO B 11 32.40 4.00 -13.34
C PRO B 11 31.67 3.46 -12.11
N LEU B 12 31.13 2.25 -12.21
CA LEU B 12 30.58 1.58 -11.05
C LEU B 12 31.75 1.08 -10.20
N HIS B 13 31.70 1.35 -8.90
CA HIS B 13 32.69 0.83 -7.95
C HIS B 13 32.31 -0.57 -7.49
N ASN B 14 31.34 -1.16 -8.21
CA ASN B 14 30.61 -2.34 -7.79
C ASN B 14 31.00 -3.57 -8.62
N ASP B 15 30.31 -4.67 -8.36
CA ASP B 15 30.19 -5.79 -9.31
C ASP B 15 29.14 -5.42 -10.36
N TYR B 16 29.44 -5.74 -11.62
CA TYR B 16 28.57 -5.39 -12.76
C TYR B 16 28.31 -6.58 -13.70
N GLN B 17 27.04 -6.88 -13.95
CA GLN B 17 26.65 -8.09 -14.68
C GLN B 17 25.96 -7.74 -16.00
N ILE B 18 26.52 -8.20 -17.11
CA ILE B 18 25.97 -7.89 -18.42
C ILE B 18 24.83 -8.86 -18.77
N LEU B 19 23.69 -8.30 -19.16
CA LEU B 19 22.50 -9.08 -19.49
C LEU B 19 22.29 -9.07 -20.98
N ASP B 20 21.56 -10.06 -21.48
CA ASP B 20 21.06 -10.04 -22.86
C ASP B 20 19.55 -10.19 -22.77
N LYS B 21 18.85 -9.08 -23.02
CA LYS B 21 17.40 -9.07 -22.98
C LYS B 21 16.86 -8.58 -24.32
N SER B 22 17.63 -8.82 -25.38
CA SER B 22 17.27 -8.40 -26.74
C SER B 22 15.98 -9.05 -27.25
N LYS B 23 15.77 -10.32 -26.86
CA LYS B 23 14.54 -11.06 -27.16
C LYS B 23 13.28 -10.34 -26.65
N ILE B 24 13.30 -9.94 -25.38
CA ILE B 24 12.19 -9.20 -24.76
C ILE B 24 11.98 -7.78 -25.35
N PHE B 25 13.07 -7.06 -25.66
CA PHE B 25 12.99 -5.72 -26.27
C PHE B 25 12.40 -5.75 -27.68
N GLY B 26 12.73 -6.79 -28.44
CA GLY B 26 12.17 -7.03 -29.77
C GLY B 26 12.55 -5.92 -30.72
N SER B 27 11.55 -5.27 -31.30
CA SER B 27 11.77 -4.16 -32.23
C SER B 27 12.04 -2.82 -31.53
N ASN B 28 11.97 -2.80 -30.20
CA ASN B 28 12.29 -1.63 -29.42
C ASN B 28 13.77 -1.56 -29.06
N SER B 29 14.26 -0.33 -28.90
CA SER B 29 15.64 -0.05 -28.53
C SER B 29 15.66 0.69 -27.20
N GLY B 30 16.69 0.42 -26.40
CA GLY B 30 16.90 1.10 -25.14
C GLY B 30 17.77 0.27 -24.22
N SER B 31 17.53 0.37 -22.92
CA SER B 31 18.35 -0.32 -21.93
C SER B 31 17.53 -0.68 -20.70
N PHE B 32 18.08 -1.59 -19.90
CA PHE B 32 17.46 -2.01 -18.63
C PHE B 32 18.59 -2.01 -17.62
N VAL B 33 18.31 -1.49 -16.43
CA VAL B 33 19.29 -1.51 -15.34
C VAL B 33 18.59 -1.99 -14.08
N MET B 34 19.22 -2.91 -13.34
CA MET B 34 18.70 -3.28 -12.01
C MET B 34 19.79 -3.33 -10.94
N TYR B 35 19.46 -2.90 -9.72
CA TYR B 35 20.38 -2.98 -8.58
C TYR B 35 19.76 -3.81 -7.47
N SER B 36 20.49 -4.83 -7.01
CA SER B 36 20.09 -5.59 -5.85
C SER B 36 20.75 -5.02 -4.57
N MET B 37 19.93 -4.61 -3.58
CA MET B 37 20.40 -4.19 -2.24
C MET B 37 21.29 -5.24 -1.52
N ALA B 38 20.85 -6.51 -1.47
CA ALA B 38 21.60 -7.54 -0.75
C ALA B 38 22.95 -7.84 -1.42
N ALA B 39 22.95 -7.86 -2.75
CA ALA B 39 24.14 -8.20 -3.53
C ALA B 39 25.11 -7.05 -3.60
N ASP B 40 24.60 -5.82 -3.47
CA ASP B 40 25.33 -4.59 -3.84
C ASP B 40 25.87 -4.72 -5.29
N ALA B 41 25.00 -5.16 -6.20
CA ALA B 41 25.41 -5.44 -7.57
C ALA B 41 24.42 -4.92 -8.58
N TYR B 42 24.95 -4.47 -9.72
CA TYR B 42 24.15 -4.02 -10.83
C TYR B 42 24.07 -5.09 -11.92
N TYR B 43 22.93 -5.11 -12.61
CA TYR B 43 22.63 -6.02 -13.70
C TYR B 43 22.18 -5.11 -14.84
N ILE B 44 22.88 -5.15 -15.97
CA ILE B 44 22.65 -4.16 -17.05
C ILE B 44 22.53 -4.79 -18.45
N TYR B 45 21.45 -4.44 -19.17
CA TYR B 45 21.35 -4.71 -20.59
C TYR B 45 21.63 -3.41 -21.35
N ASN B 46 22.56 -3.47 -22.32
CA ASN B 46 23.00 -2.32 -23.15
C ASN B 46 23.58 -1.21 -22.30
N GLU B 47 24.76 -1.48 -21.73
CA GLU B 47 25.39 -0.56 -20.77
C GLU B 47 25.74 0.82 -21.33
N LYS B 48 26.22 0.86 -22.57
CA LYS B 48 26.55 2.13 -23.22
C LYS B 48 25.30 2.99 -23.33
N GLU B 49 24.25 2.40 -23.90
CA GLU B 49 22.93 3.02 -24.01
C GLU B 49 22.36 3.44 -22.64
N SER B 50 22.63 2.65 -21.59
CA SER B 50 22.20 2.96 -20.23
C SER B 50 22.86 4.22 -19.65
N ARG B 51 23.92 4.69 -20.29
CA ARG B 51 24.65 5.88 -19.84
C ARG B 51 24.31 7.14 -20.62
N LYS B 52 23.50 7.00 -21.68
CA LYS B 52 23.02 8.16 -22.44
C LYS B 52 21.89 8.84 -21.68
N ARG B 53 22.00 10.16 -21.55
CA ARG B 53 21.00 10.93 -20.80
C ARG B 53 19.84 11.41 -21.67
N TYR B 54 18.64 11.25 -21.12
CA TYR B 54 17.42 11.65 -21.78
C TYR B 54 16.57 12.42 -20.78
N SER B 55 15.60 13.18 -21.28
CA SER B 55 14.64 13.82 -20.40
C SER B 55 13.91 12.77 -19.56
N PRO B 56 13.76 13.02 -18.24
CA PRO B 56 13.06 12.08 -17.38
C PRO B 56 11.55 12.06 -17.59
N ASN B 57 11.00 13.11 -18.23
CA ASN B 57 9.54 13.27 -18.40
C ASN B 57 8.83 13.04 -17.06
N SER B 58 7.80 12.20 -17.09
CA SER B 58 6.94 11.99 -15.91
C SER B 58 7.58 11.22 -14.78
N THR B 59 8.75 10.62 -15.00
CA THR B 59 9.42 9.94 -13.91
C THR B 59 9.96 10.91 -12.89
N TYR B 60 10.14 12.17 -13.30
CA TYR B 60 10.61 13.20 -12.38
C TYR B 60 9.55 13.58 -11.33
N LYS B 61 8.29 13.19 -11.57
CA LYS B 61 7.22 13.33 -10.57
C LYS B 61 7.56 12.68 -9.24
N ILE B 62 8.37 11.61 -9.27
CA ILE B 62 8.95 11.05 -8.04
C ILE B 62 9.59 12.12 -7.19
N TYR B 63 10.43 12.96 -7.82
CA TYR B 63 11.20 13.96 -7.12
C TYR B 63 10.33 15.15 -6.79
N LEU B 64 9.42 15.54 -7.70
CA LEU B 64 8.49 16.67 -7.37
C LEU B 64 7.58 16.33 -6.20
N ALA B 65 7.11 15.10 -6.14
CA ALA B 65 6.38 14.62 -4.95
C ALA B 65 7.23 14.67 -3.67
N MET B 66 8.47 14.16 -3.72
CA MET B 66 9.39 14.26 -2.56
C MET B 66 9.64 15.70 -2.10
N PHE B 67 9.94 16.56 -3.08
CA PHE B 67 10.16 17.99 -2.81
C PHE B 67 8.89 18.64 -2.23
N GLY B 68 7.73 18.24 -2.75
CA GLY B 68 6.43 18.75 -2.27
C GLY B 68 6.15 18.34 -0.84
N LEU B 69 6.47 17.08 -0.53
CA LEU B 69 6.36 16.58 0.85
C LEU B 69 7.36 17.26 1.77
N ASP B 70 8.59 17.42 1.30
CA ASP B 70 9.67 17.97 2.11
C ASP B 70 9.47 19.47 2.43
N ARG B 71 8.80 20.18 1.54
CA ARG B 71 8.54 21.61 1.72
C ARG B 71 7.14 21.91 2.27
N HIS B 72 6.46 20.86 2.73
CA HIS B 72 5.09 20.93 3.27
C HIS B 72 4.03 21.55 2.34
N ILE B 73 4.26 21.45 1.02
CA ILE B 73 3.28 21.92 0.03
C ILE B 73 2.11 20.96 0.10
N ILE B 74 2.43 19.66 0.21
CA ILE B 74 1.46 18.59 0.51
C ILE B 74 1.91 17.82 1.76
N ASN B 75 0.97 17.11 2.39
CA ASN B 75 1.27 16.23 3.54
C ASN B 75 0.30 15.05 3.67
N ASP B 76 0.41 14.31 4.79
CA ASP B 76 -0.34 13.07 5.03
C ASP B 76 -1.86 13.24 5.23
N GLU B 77 -2.29 14.29 5.93
CA GLU B 77 -3.72 14.54 6.09
C GLU B 77 -4.34 15.20 4.85
N ASN B 78 -3.59 16.08 4.19
CA ASN B 78 -4.09 16.80 3.01
C ASN B 78 -3.07 16.92 1.87
N SER B 79 -3.25 16.13 0.82
CA SER B 79 -2.49 16.28 -0.41
C SER B 79 -3.43 16.59 -1.59
N ARG B 80 -4.61 17.11 -1.27
CA ARG B 80 -5.64 17.32 -2.26
C ARG B 80 -5.45 18.64 -3.00
N MET B 81 -5.79 18.64 -4.29
CA MET B 81 -5.82 19.87 -5.08
C MET B 81 -7.04 19.84 -5.98
N SER B 82 -7.72 20.97 -6.10
CA SER B 82 -8.88 21.01 -6.97
C SER B 82 -8.48 21.25 -8.44
N TRP B 83 -9.33 20.74 -9.33
CA TRP B 83 -9.24 20.93 -10.78
C TRP B 83 -9.68 22.35 -11.11
N ASN B 84 -8.93 23.02 -11.98
CA ASN B 84 -9.29 24.41 -12.33
C ASN B 84 -10.26 24.55 -13.52
N HIS B 85 -10.78 23.42 -13.98
CA HIS B 85 -11.77 23.33 -15.08
C HIS B 85 -11.15 23.32 -16.49
N LYS B 86 -9.81 23.37 -16.59
CA LYS B 86 -9.15 23.18 -17.89
C LYS B 86 -9.43 21.76 -18.40
N HIS B 87 -9.99 21.68 -19.59
CA HIS B 87 -10.27 20.38 -20.20
C HIS B 87 -9.04 19.68 -20.69
N TYR B 88 -8.85 18.47 -20.15
CA TYR B 88 -7.79 17.57 -20.59
C TYR B 88 -8.39 16.41 -21.40
N PRO B 89 -7.58 15.76 -22.27
CA PRO B 89 -8.17 14.69 -23.07
C PRO B 89 -8.26 13.33 -22.31
N PHE B 90 -7.93 13.31 -21.02
CA PHE B 90 -8.23 12.17 -20.16
C PHE B 90 -9.18 12.55 -19.04
N ASP B 91 -10.27 11.82 -18.89
CA ASP B 91 -11.26 12.09 -17.82
C ASP B 91 -10.67 12.04 -16.41
N ALA B 92 -9.67 11.18 -16.19
CA ALA B 92 -8.98 11.06 -14.90
C ALA B 92 -8.24 12.34 -14.48
N TRP B 93 -7.93 13.20 -15.45
CA TRP B 93 -7.27 14.48 -15.19
C TRP B 93 -8.27 15.59 -14.92
N ASN B 94 -9.53 15.36 -15.28
CA ASN B 94 -10.56 16.39 -15.18
C ASN B 94 -11.33 16.34 -13.88
N LYS B 95 -10.59 16.30 -12.76
CA LYS B 95 -11.19 16.17 -11.43
C LYS B 95 -10.17 16.49 -10.36
N GLU B 96 -10.66 16.62 -9.13
CA GLU B 96 -9.86 16.70 -7.91
C GLU B 96 -8.86 15.54 -7.81
N GLN B 97 -7.67 15.85 -7.30
CA GLN B 97 -6.61 14.85 -7.15
C GLN B 97 -6.06 14.88 -5.74
N ASP B 98 -5.51 13.75 -5.29
CA ASP B 98 -4.58 13.75 -4.18
C ASP B 98 -3.27 13.19 -4.70
N LEU B 99 -2.27 13.02 -3.83
CA LEU B 99 -0.99 12.48 -4.31
C LEU B 99 -1.14 11.09 -4.99
N ASN B 100 -1.97 10.22 -4.40
CA ASN B 100 -2.16 8.87 -4.95
C ASN B 100 -2.78 8.84 -6.34
N THR B 101 -3.88 9.57 -6.54
CA THR B 101 -4.57 9.61 -7.83
C THR B 101 -3.70 10.33 -8.88
N ALA B 102 -2.99 11.37 -8.46
CA ALA B 102 -2.14 12.13 -9.37
C ALA B 102 -0.96 11.34 -9.85
N MET B 103 -0.37 10.55 -8.95
CA MET B 103 0.75 9.69 -9.34
C MET B 103 0.30 8.56 -10.25
N GLN B 104 -0.77 7.87 -9.84
CA GLN B 104 -1.33 6.77 -10.59
C GLN B 104 -1.71 7.16 -12.02
N ASN B 105 -2.40 8.29 -12.17
CA ASN B 105 -2.89 8.71 -13.49
C ASN B 105 -1.96 9.70 -14.18
N SER B 106 -0.80 9.94 -13.58
CA SER B 106 0.23 10.87 -14.11
C SER B 106 -0.36 12.23 -14.48
N VAL B 107 -0.93 12.90 -13.48
CA VAL B 107 -1.72 14.10 -13.77
C VAL B 107 -0.73 15.26 -13.77
N ASN B 108 -0.34 15.74 -14.96
CA ASN B 108 0.75 16.74 -15.06
C ASN B 108 0.48 18.01 -14.27
N TRP B 109 -0.77 18.51 -14.28
CA TRP B 109 -1.03 19.80 -13.63
C TRP B 109 -0.82 19.81 -12.12
N TYR B 110 -1.02 18.66 -11.48
CA TYR B 110 -0.84 18.50 -10.04
C TYR B 110 0.63 18.75 -9.70
N PHE B 111 1.52 18.11 -10.45
CA PHE B 111 2.94 18.25 -10.23
C PHE B 111 3.49 19.60 -10.70
N GLU B 112 2.87 20.18 -11.72
CA GLU B 112 3.17 21.55 -12.14
C GLU B 112 2.81 22.55 -11.02
N ARG B 113 1.66 22.32 -10.36
CA ARG B 113 1.28 23.16 -9.22
C ARG B 113 2.23 23.10 -8.02
N ILE B 114 2.73 21.90 -7.70
CA ILE B 114 3.78 21.73 -6.71
C ILE B 114 5.02 22.53 -7.12
N SER B 115 5.42 22.34 -8.38
CA SER B 115 6.66 22.89 -8.92
C SER B 115 6.67 24.42 -8.97
N ASP B 116 5.51 25.02 -9.22
CA ASP B 116 5.29 26.47 -9.21
C ASP B 116 5.52 27.11 -7.84
N GLN B 117 5.54 26.29 -6.80
CA GLN B 117 5.68 26.76 -5.43
C GLN B 117 7.09 26.52 -4.88
N ILE B 118 7.96 25.91 -5.68
CA ILE B 118 9.32 25.59 -5.24
C ILE B 118 10.32 26.58 -5.84
N PRO B 119 11.07 27.30 -4.99
CA PRO B 119 12.07 28.26 -5.48
C PRO B 119 13.22 27.53 -6.16
N LYS B 120 13.85 28.17 -7.15
CA LYS B 120 14.89 27.55 -7.98
C LYS B 120 16.11 27.03 -7.19
N ASN B 121 16.53 27.81 -6.19
CA ASN B 121 17.69 27.44 -5.39
C ASN B 121 17.54 26.18 -4.53
N TYR B 122 16.35 25.96 -3.98
CA TYR B 122 16.03 24.67 -3.34
C TYR B 122 16.25 23.53 -4.33
N THR B 123 15.65 23.63 -5.52
CA THR B 123 15.76 22.57 -6.52
C THR B 123 17.21 22.33 -6.96
N ALA B 124 17.97 23.42 -7.21
CA ALA B 124 19.38 23.30 -7.60
C ALA B 124 20.17 22.55 -6.53
N THR B 125 20.01 22.97 -5.28
CA THR B 125 20.61 22.32 -4.11
C THR B 125 20.28 20.83 -4.03
N GLN B 126 19.00 20.50 -4.24
CA GLN B 126 18.56 19.11 -4.17
C GLN B 126 19.13 18.26 -5.30
N LEU B 127 19.15 18.80 -6.52
CA LEU B 127 19.70 18.05 -7.66
C LEU B 127 21.21 17.87 -7.59
N LYS B 128 21.90 18.82 -6.94
CA LYS B 128 23.33 18.67 -6.64
C LYS B 128 23.59 17.54 -5.64
N GLN B 129 22.84 17.53 -4.54
CA GLN B 129 22.92 16.50 -3.50
C GLN B 129 22.50 15.11 -4.01
N LEU B 130 21.53 15.09 -4.92
CA LEU B 130 21.06 13.81 -5.48
C LEU B 130 21.93 13.25 -6.61
N ASN B 131 22.79 14.13 -7.19
CA ASN B 131 23.58 13.86 -8.41
C ASN B 131 22.65 13.53 -9.58
N TYR B 132 21.62 14.36 -9.73
CA TYR B 132 20.57 14.11 -10.71
C TYR B 132 21.01 14.52 -12.12
N GLY B 133 21.61 13.58 -12.83
CA GLY B 133 21.83 13.69 -14.27
C GLY B 133 22.72 14.85 -14.63
N ASN B 134 22.26 15.62 -15.61
CA ASN B 134 22.93 16.85 -15.98
C ASN B 134 22.65 18.07 -15.10
N LYS B 135 21.70 17.94 -14.17
CA LYS B 135 21.32 19.01 -13.19
C LYS B 135 20.90 20.35 -13.82
N ASN B 136 20.41 20.29 -15.05
CA ASN B 136 20.19 21.52 -15.81
C ASN B 136 18.72 21.89 -15.76
N LEU B 137 18.45 22.95 -14.99
CA LEU B 137 17.10 23.46 -14.77
C LEU B 137 16.59 24.40 -15.86
N GLY B 138 17.46 24.78 -16.79
CA GLY B 138 17.10 25.63 -17.95
C GLY B 138 16.33 26.88 -17.59
N SER B 139 15.15 27.05 -18.21
CA SER B 139 14.23 28.18 -17.94
C SER B 139 13.48 28.08 -16.60
N TYR B 140 13.60 26.94 -15.91
CA TYR B 140 12.85 26.63 -14.68
C TYR B 140 11.32 26.71 -14.86
N LYS B 141 10.84 26.12 -15.96
CA LYS B 141 9.41 25.96 -16.23
C LYS B 141 9.03 24.49 -16.06
N SER B 142 8.58 23.85 -17.15
CA SER B 142 8.35 22.41 -17.14
C SER B 142 9.66 21.72 -17.58
N TYR B 143 10.72 21.96 -16.80
CA TYR B 143 12.11 21.68 -17.20
C TYR B 143 12.39 20.18 -17.32
N TRP B 144 11.49 19.38 -16.73
CA TRP B 144 11.59 17.96 -16.73
C TRP B 144 10.89 17.30 -17.90
N MET B 145 10.19 18.07 -18.74
CA MET B 145 9.37 17.51 -19.81
C MET B 145 9.96 17.84 -21.17
N GLU B 146 10.80 16.94 -21.69
CA GLU B 146 11.47 17.13 -22.99
C GLU B 146 12.14 18.50 -23.13
N ASP B 147 12.88 18.85 -22.09
CA ASP B 147 13.44 20.19 -21.97
C ASP B 147 14.93 20.06 -21.52
N SER B 148 15.37 20.87 -20.57
CA SER B 148 16.80 21.03 -20.28
C SER B 148 17.37 19.88 -19.45
N LEU B 149 16.55 19.35 -18.55
CA LEU B 149 16.98 18.33 -17.60
C LEU B 149 17.05 16.96 -18.25
N LYS B 150 18.21 16.33 -18.11
CA LYS B 150 18.42 15.01 -18.67
C LYS B 150 19.08 14.10 -17.65
N ILE B 151 18.74 12.81 -17.70
CA ILE B 151 19.29 11.81 -16.79
C ILE B 151 19.41 10.47 -17.54
N SER B 152 20.43 9.67 -17.21
CA SER B 152 20.60 8.40 -17.88
C SER B 152 19.85 7.30 -17.15
N ASN B 153 19.61 6.19 -17.84
CA ASN B 153 18.92 5.04 -17.24
C ASN B 153 19.65 4.41 -16.04
N LEU B 154 20.98 4.29 -16.15
CA LEU B 154 21.83 3.90 -15.00
C LEU B 154 21.67 4.88 -13.83
N GLU B 155 21.75 6.19 -14.10
CA GLU B 155 21.53 7.21 -13.06
C GLU B 155 20.15 7.19 -12.39
N GLN B 156 19.10 6.90 -13.17
CA GLN B 156 17.73 6.75 -12.63
C GLN B 156 17.72 5.73 -11.49
N VAL B 157 18.43 4.61 -11.67
CA VAL B 157 18.55 3.59 -10.62
C VAL B 157 19.42 4.05 -9.45
N ILE B 158 20.63 4.53 -9.75
CA ILE B 158 21.56 5.04 -8.73
C ILE B 158 20.93 6.15 -7.83
N VAL B 159 20.35 7.18 -8.45
CA VAL B 159 19.76 8.35 -7.74
C VAL B 159 18.54 7.96 -6.87
N PHE B 160 17.61 7.18 -7.42
CA PHE B 160 16.42 6.73 -6.69
C PHE B 160 16.83 5.88 -5.49
N LYS B 161 17.72 4.91 -5.73
CA LYS B 161 18.21 4.03 -4.67
C LYS B 161 18.89 4.87 -3.59
N ASN B 162 19.72 5.83 -3.98
CA ASN B 162 20.39 6.68 -3.00
C ASN B 162 19.45 7.62 -2.20
N MET B 163 18.44 8.22 -2.85
CA MET B 163 17.47 9.08 -2.16
C MET B 163 16.66 8.33 -1.12
N MET B 164 16.19 7.13 -1.48
CA MET B 164 15.37 6.32 -0.60
C MET B 164 16.15 5.60 0.49
N GLU B 165 17.34 5.09 0.17
CA GLU B 165 18.06 4.21 1.11
C GLU B 165 19.10 4.90 2.00
N GLN B 166 19.66 6.02 1.55
CA GLN B 166 20.61 6.73 2.39
C GLN B 166 19.92 7.55 3.47
N ASN B 167 20.54 7.61 4.65
CA ASN B 167 20.09 8.47 5.75
C ASN B 167 20.36 9.90 5.37
N ASN B 168 19.33 10.59 4.90
CA ASN B 168 19.56 11.93 4.41
C ASN B 168 18.60 12.96 4.95
N HIS B 169 18.45 13.98 4.13
CA HIS B 169 17.66 15.16 4.38
C HIS B 169 16.15 14.87 4.40
N PHE B 170 15.72 13.86 3.65
CA PHE B 170 14.29 13.54 3.52
C PHE B 170 13.81 12.63 4.63
N SER B 171 12.66 12.95 5.21
CA SER B 171 12.14 12.19 6.36
C SER B 171 11.57 10.83 5.95
N LYS B 172 11.41 9.95 6.93
CA LYS B 172 10.86 8.62 6.72
C LYS B 172 9.38 8.68 6.34
N LYS B 173 8.61 9.59 6.94
CA LYS B 173 7.18 9.65 6.59
C LYS B 173 6.95 10.21 5.18
N ALA B 174 7.83 11.10 4.73
CA ALA B 174 7.81 11.60 3.34
C ALA B 174 8.11 10.46 2.37
N LYS B 175 9.20 9.72 2.64
CA LYS B 175 9.56 8.52 1.88
C LYS B 175 8.42 7.49 1.86
N ASN B 176 7.76 7.32 3.00
CA ASN B 176 6.63 6.40 3.10
C ASN B 176 5.42 6.80 2.29
N GLN B 177 5.03 8.08 2.36
CA GLN B 177 3.92 8.57 1.55
C GLN B 177 4.22 8.49 0.04
N LEU B 178 5.46 8.77 -0.34
CA LEU B 178 5.89 8.65 -1.73
C LEU B 178 5.79 7.21 -2.16
N SER B 179 6.33 6.32 -1.33
CA SER B 179 6.19 4.88 -1.60
C SER B 179 4.77 4.41 -1.80
N SER B 180 3.85 4.83 -0.94
CA SER B 180 2.43 4.45 -1.10
C SER B 180 1.84 4.87 -2.45
N SER B 181 2.25 6.05 -2.92
CA SER B 181 1.76 6.61 -4.17
C SER B 181 2.30 5.90 -5.40
N LEU B 182 3.43 5.21 -5.21
CA LEU B 182 4.09 4.45 -6.26
C LEU B 182 3.74 2.96 -6.31
N LEU B 183 3.07 2.43 -5.29
CA LEU B 183 2.78 1.02 -5.26
C LEU B 183 1.85 0.61 -6.39
N ILE B 184 2.25 -0.39 -7.15
CA ILE B 184 1.48 -0.83 -8.30
C ILE B 184 0.88 -2.22 -8.04
N LYS B 185 1.69 -3.12 -7.52
CA LYS B 185 1.22 -4.47 -7.27
C LYS B 185 1.72 -4.95 -5.89
N LYS B 186 0.88 -5.70 -5.19
CA LYS B 186 1.28 -6.40 -3.97
C LYS B 186 0.60 -7.76 -3.95
N ASN B 187 1.39 -8.80 -3.70
CA ASN B 187 0.87 -10.12 -3.44
C ASN B 187 1.76 -10.79 -2.40
N GLU B 188 1.62 -12.11 -2.29
CA GLU B 188 2.36 -12.92 -1.31
C GLU B 188 3.88 -12.89 -1.51
N LYS B 189 4.32 -12.73 -2.76
CA LYS B 189 5.73 -12.83 -3.11
C LYS B 189 6.45 -11.47 -3.19
N TYR B 190 5.76 -10.44 -3.68
CA TYR B 190 6.43 -9.16 -3.90
C TYR B 190 5.51 -7.95 -3.80
N GLU B 191 6.14 -6.79 -3.60
CA GLU B 191 5.53 -5.49 -3.84
C GLU B 191 6.30 -4.84 -4.97
N LEU B 192 5.57 -4.33 -5.95
CA LEU B 192 6.16 -3.64 -7.09
C LEU B 192 5.70 -2.18 -7.07
N TYR B 193 6.69 -1.29 -7.13
CA TYR B 193 6.52 0.16 -7.10
C TYR B 193 7.14 0.72 -8.37
N GLY B 194 6.54 1.78 -8.94
CA GLY B 194 7.10 2.32 -10.17
C GLY B 194 6.34 3.53 -10.69
N LYS B 195 6.99 4.21 -11.63
CA LYS B 195 6.40 5.33 -12.34
C LYS B 195 6.80 5.31 -13.81
N THR B 196 5.79 5.44 -14.69
CA THR B 196 5.97 5.57 -16.15
C THR B 196 6.30 7.00 -16.58
N GLY B 197 6.93 7.14 -17.74
CA GLY B 197 7.22 8.41 -18.39
C GLY B 197 7.03 8.19 -19.88
N THR B 198 6.38 9.13 -20.55
CA THR B 198 6.23 9.06 -22.01
C THR B 198 6.44 10.43 -22.60
N GLY B 199 7.36 10.52 -23.55
CA GLY B 199 7.54 11.76 -24.29
C GLY B 199 6.96 11.61 -25.67
N ILE B 200 6.28 12.66 -26.13
CA ILE B 200 5.73 12.70 -27.49
C ILE B 200 6.36 13.91 -28.19
N VAL B 201 6.95 13.66 -29.37
CA VAL B 201 7.54 14.69 -30.24
C VAL B 201 6.96 14.50 -31.64
N ASN B 202 6.32 15.56 -32.13
CA ASN B 202 5.58 15.54 -33.41
C ASN B 202 4.56 14.43 -33.60
N GLY B 203 3.74 14.20 -32.58
CA GLY B 203 2.74 13.14 -32.65
C GLY B 203 3.22 11.71 -32.45
N LYS B 204 4.54 11.50 -32.31
CA LYS B 204 5.11 10.17 -32.12
C LYS B 204 5.80 10.01 -30.75
N TYR B 205 5.73 8.81 -30.19
CA TYR B 205 6.47 8.43 -29.00
C TYR B 205 7.97 8.58 -29.25
N ASN B 206 8.69 9.10 -28.26
CA ASN B 206 10.06 9.58 -28.43
C ASN B 206 11.02 8.98 -27.40
N ASN B 207 10.45 8.65 -26.23
CA ASN B 207 11.22 8.54 -25.00
C ASN B 207 10.32 7.88 -23.96
N GLY B 208 10.57 6.62 -23.63
CA GLY B 208 9.68 5.86 -22.72
C GLY B 208 10.45 5.37 -21.51
N TRP B 209 9.85 5.48 -20.33
CA TRP B 209 10.51 5.10 -19.10
C TRP B 209 9.55 4.31 -18.21
N PHE B 210 10.13 3.40 -17.42
CA PHE B 210 9.49 2.87 -16.24
C PHE B 210 10.57 2.71 -15.18
N VAL B 211 10.44 3.43 -14.07
CA VAL B 211 11.47 3.43 -13.03
C VAL B 211 10.78 3.01 -11.75
N GLY B 212 11.38 2.07 -11.01
CA GLY B 212 10.78 1.69 -9.74
C GLY B 212 11.62 0.78 -8.91
N TYR B 213 10.94 0.03 -8.05
CA TYR B 213 11.62 -0.94 -7.19
C TYR B 213 10.67 -2.05 -6.79
N VAL B 214 11.27 -3.21 -6.47
CA VAL B 214 10.53 -4.39 -6.03
C VAL B 214 11.07 -4.83 -4.67
N ILE B 215 10.17 -5.12 -3.71
CA ILE B 215 10.52 -5.73 -2.44
C ILE B 215 10.02 -7.16 -2.46
N THR B 216 10.92 -8.11 -2.23
CA THR B 216 10.51 -9.49 -2.10
C THR B 216 10.70 -9.88 -0.64
N ASN B 217 10.51 -11.16 -0.34
CA ASN B 217 10.79 -11.67 1.01
C ASN B 217 12.29 -11.78 1.30
N HIS B 218 13.10 -11.60 0.26
CA HIS B 218 14.53 -11.90 0.29
C HIS B 218 15.42 -10.70 0.02
N ASP B 219 14.90 -9.71 -0.72
CA ASP B 219 15.74 -8.63 -1.23
C ASP B 219 14.88 -7.43 -1.65
N LYS B 220 15.57 -6.36 -2.00
CA LYS B 220 14.94 -5.17 -2.58
C LYS B 220 15.75 -4.80 -3.82
N TYR B 221 15.05 -4.56 -4.92
CA TYR B 221 15.70 -4.33 -6.20
C TYR B 221 15.24 -3.00 -6.75
N TYR B 222 16.17 -2.13 -7.14
CA TYR B 222 15.83 -0.88 -7.82
C TYR B 222 16.07 -1.14 -9.30
N PHE B 223 15.18 -0.66 -10.17
CA PHE B 223 15.30 -0.94 -11.59
C PHE B 223 14.78 0.22 -12.44
N ALA B 224 15.19 0.23 -13.70
CA ALA B 224 14.66 1.16 -14.70
C ALA B 224 14.80 0.63 -16.12
N THR B 225 13.72 0.74 -16.90
CA THR B 225 13.75 0.51 -18.35
C THR B 225 13.61 1.85 -19.05
N HIS B 226 14.50 2.11 -19.99
CA HIS B 226 14.34 3.22 -20.91
C HIS B 226 14.19 2.72 -22.34
N LEU B 227 13.28 3.34 -23.07
CA LEU B 227 13.10 3.08 -24.49
C LEU B 227 13.32 4.33 -25.34
N SER B 228 14.14 4.20 -26.37
CA SER B 228 14.54 5.33 -27.22
C SER B 228 13.99 5.22 -28.65
N ASP B 229 13.64 4.00 -29.07
CA ASP B 229 13.16 3.81 -30.44
C ASP B 229 12.24 2.60 -30.56
N GLY B 230 11.48 2.55 -31.65
CA GLY B 230 10.51 1.49 -31.90
C GLY B 230 9.14 1.99 -31.51
N LYS B 231 8.67 1.57 -30.34
CA LYS B 231 7.44 2.11 -29.75
C LYS B 231 7.82 2.59 -28.35
N PRO B 232 8.54 3.72 -28.25
CA PRO B 232 9.10 4.07 -26.96
C PRO B 232 8.12 4.81 -26.04
N SER B 233 7.18 4.07 -25.47
CA SER B 233 6.19 4.62 -24.55
C SER B 233 6.45 4.11 -23.13
N GLY B 234 5.98 4.85 -22.13
CA GLY B 234 5.97 4.40 -20.73
C GLY B 234 5.25 3.09 -20.54
N LYS B 235 4.11 2.94 -21.21
CA LYS B 235 3.33 1.70 -21.15
C LYS B 235 4.19 0.51 -21.61
N ASN B 236 4.89 0.67 -22.72
CA ASN B 236 5.75 -0.39 -23.23
C ASN B 236 6.99 -0.64 -22.37
N ALA B 237 7.54 0.43 -21.84
CA ALA B 237 8.64 0.34 -20.87
C ALA B 237 8.25 -0.50 -19.64
N GLU B 238 7.03 -0.30 -19.14
CA GLU B 238 6.51 -1.04 -17.99
C GLU B 238 6.38 -2.52 -18.31
N LEU B 239 5.77 -2.81 -19.45
CA LEU B 239 5.60 -4.18 -19.94
C LEU B 239 6.90 -4.98 -20.10
N ILE B 240 7.90 -4.32 -20.69
CA ILE B 240 9.23 -4.90 -20.86
C ILE B 240 9.88 -5.12 -19.49
N SER B 241 9.74 -4.15 -18.59
CA SER B 241 10.24 -4.30 -17.21
C SER B 241 9.66 -5.53 -16.52
N GLU B 242 8.34 -5.68 -16.60
CA GLU B 242 7.67 -6.80 -15.95
C GLU B 242 8.17 -8.13 -16.50
N LYS B 243 8.33 -8.21 -17.82
CA LYS B 243 8.85 -9.42 -18.48
C LYS B 243 10.28 -9.76 -18.10
N ILE B 244 11.12 -8.73 -17.99
CA ILE B 244 12.51 -8.95 -17.61
C ILE B 244 12.58 -9.39 -16.15
N LEU B 245 11.90 -8.64 -15.27
CA LEU B 245 11.84 -8.99 -13.84
C LEU B 245 11.31 -10.40 -13.59
N LYS B 246 10.31 -10.83 -14.38
CA LYS B 246 9.80 -12.19 -14.28
C LYS B 246 10.85 -13.24 -14.70
N GLU B 247 11.53 -12.98 -15.84
CA GLU B 247 12.53 -13.90 -16.39
C GLU B 247 13.73 -14.03 -15.44
N MET B 248 14.08 -12.93 -14.80
CA MET B 248 15.21 -12.93 -13.84
C MET B 248 14.89 -13.60 -12.49
N GLY B 249 13.61 -13.92 -12.24
CA GLY B 249 13.22 -14.57 -11.00
C GLY B 249 12.86 -13.62 -9.87
N VAL B 250 12.81 -12.33 -10.18
CA VAL B 250 12.50 -11.29 -9.20
C VAL B 250 11.01 -11.34 -8.78
N LEU B 251 10.14 -11.72 -9.71
CA LEU B 251 8.72 -11.81 -9.40
C LEU B 251 8.15 -13.20 -8.98
N ASN B 252 9.02 -14.19 -8.78
CA ASN B 252 8.56 -15.43 -8.12
C ASN B 252 9.25 -15.78 -6.78
S1 BOU C . -1.58 -15.56 16.49
C1 BOU C . -2.15 -16.00 14.86
C2 BOU C . -3.44 -15.21 14.79
N1 BOU C . -3.13 -13.99 15.61
C3 BOU C . -2.51 -14.02 16.95
C4 BOU C . -3.81 -14.26 17.67
C5 BOU C . -4.94 -13.56 17.10
O1 BOU C . -6.06 -13.90 17.33
C6 BOU C . -2.43 -17.50 14.79
C7 BOU C . -1.11 -15.65 13.77
C8 BOU C . -4.02 -15.00 13.39
O2 BOU C . -3.72 -13.95 12.77
O3 BOU C . -4.79 -15.86 12.86
N2 BOU C . -4.27 -15.30 18.52
C9 BOU C . -3.49 -16.07 19.26
O4 BOU C . -2.33 -15.94 19.17
C10 BOU C . -3.95 -17.11 20.22
C11 BOU C . -5.25 -16.96 20.67
C12 BOU C . -5.75 -17.87 21.59
C13 BOU C . -4.96 -18.91 22.03
C14 BOU C . -3.66 -19.10 21.57
C15 BOU C . -3.12 -18.19 20.65
C16 BOU C . -1.70 -18.43 20.17
C17 BOU C . -1.48 -18.47 18.77
C18 BOU C . -0.21 -18.63 18.23
C19 BOU C . 0.88 -18.82 19.10
C20 BOU C . 0.69 -18.80 20.48
C21 BOU C . -0.58 -18.62 21.03
C22 BOU C . -0.61 -18.62 22.54
O5 BOU C . -1.11 -17.65 23.17
O6 BOU C . -0.12 -19.61 23.13
S1 BOU D . 1.14 11.55 -19.68
C1 BOU D . 1.37 9.78 -19.66
C2 BOU D . 2.74 9.67 -19.02
N1 BOU D . 2.78 10.83 -18.07
C3 BOU D . 2.36 12.21 -18.46
C4 BOU D . 3.66 12.64 -19.06
C5 BOU D . 4.82 12.11 -18.40
O1 BOU D . 5.89 12.13 -18.91
C6 BOU D . 1.36 9.28 -21.11
C7 BOU D . 0.23 9.06 -18.91
C8 BOU D . 3.08 8.27 -18.50
O2 BOU D . 2.86 7.95 -17.31
O3 BOU D . 3.61 7.44 -19.28
N2 BOU D . 4.08 13.10 -20.35
C9 BOU D . 3.29 13.72 -21.20
O4 BOU D . 2.15 13.81 -20.92
C10 BOU D . 3.69 14.30 -22.52
C11 BOU D . 5.05 14.57 -22.70
C12 BOU D . 5.49 15.12 -23.90
C13 BOU D . 4.59 15.42 -24.92
C14 BOU D . 3.23 15.13 -24.76
C15 BOU D . 2.75 14.59 -23.55
C16 BOU D . 1.24 14.31 -23.46
C17 BOU D . 0.81 13.01 -23.09
C18 BOU D . -0.53 12.67 -22.95
C19 BOU D . -1.48 13.62 -23.23
C20 BOU D . -1.11 14.90 -23.61
C21 BOU D . 0.24 15.26 -23.73
C22 BOU D . 0.48 16.68 -24.16
O5 BOU D . 1.17 17.43 -23.43
O6 BOU D . -0.03 17.06 -25.24
#